data_6SQY
#
_entry.id   6SQY
#
_cell.length_a   59.277
_cell.length_b   59.277
_cell.length_c   140.537
_cell.angle_alpha   90.000
_cell.angle_beta   90.000
_cell.angle_gamma   90.000
#
_symmetry.space_group_name_H-M   'P 41 21 2'
#
loop_
_entity.id
_entity.type
_entity.pdbx_description
1 polymer 'dCTP pyrophosphatase 1'
2 non-polymer 'MAGNESIUM ION'
3 non-polymer "2'-DEOXYCYTIDINE-5'-MONOPHOSPHATE"
4 water water
#
_entity_poly.entity_id   1
_entity_poly.type   'polypeptide(L)'
_entity_poly.pdbx_seq_one_letter_code
;MSTAGDGERGTVGQEDSAAAMPFRFSPEPTLEDIRRLHAEFAAERDWEQFHQPRNLLLALVGEVGELAELFQWKSDTEPG
PQAWPPKERAALQEELSDVLIYLVALAARCHVDLPQAVISKMDTNRQRYPVHLSRGSACKYTDLPRGTISENQAVGAGDP
ASELRDQAST
;
_entity_poly.pdbx_strand_id   A,D
#
# COMPACT_ATOMS: atom_id res chain seq x y z
N MET A 21 8.56 21.89 -23.15
CA MET A 21 8.35 21.10 -24.41
C MET A 21 7.42 19.93 -24.14
N PRO A 22 6.65 19.48 -25.14
CA PRO A 22 5.60 18.47 -24.93
C PRO A 22 6.16 17.12 -24.47
N PHE A 23 5.52 16.52 -23.47
CA PHE A 23 6.04 15.29 -22.88
C PHE A 23 5.28 14.13 -23.47
N ARG A 24 5.97 13.05 -23.83
CA ARG A 24 5.31 11.84 -24.32
C ARG A 24 6.08 10.63 -23.77
N PHE A 25 5.43 9.48 -23.71
CA PHE A 25 6.14 8.24 -23.48
C PHE A 25 6.77 7.76 -24.81
N SER A 26 7.80 6.95 -24.71
CA SER A 26 8.29 6.18 -25.83
C SER A 26 7.23 5.20 -26.38
N PRO A 27 7.38 4.83 -27.67
CA PRO A 27 6.40 3.96 -28.28
C PRO A 27 6.54 2.52 -27.87
N GLU A 28 7.70 2.12 -27.37
CA GLU A 28 7.93 0.76 -26.86
C GLU A 28 8.71 0.83 -25.58
N PRO A 29 8.68 -0.20 -24.73
CA PRO A 29 7.88 -1.40 -24.87
C PRO A 29 6.38 -1.22 -24.68
N THR A 30 5.61 -2.05 -25.36
CA THR A 30 4.17 -2.14 -25.15
C THR A 30 3.87 -3.01 -23.92
N LEU A 31 2.61 -3.09 -23.55
CA LEU A 31 2.21 -3.92 -22.41
C LEU A 31 2.42 -5.37 -22.73
N GLU A 32 2.11 -5.77 -23.97
CA GLU A 32 2.44 -7.15 -24.41
C GLU A 32 3.93 -7.42 -24.29
N ASP A 33 4.76 -6.48 -24.76
CA ASP A 33 6.23 -6.60 -24.64
C ASP A 33 6.60 -6.82 -23.15
N ILE A 34 5.99 -6.03 -22.26
CA ILE A 34 6.34 -6.13 -20.84
C ILE A 34 5.92 -7.47 -20.28
N ARG A 35 4.72 -7.90 -20.65
CA ARG A 35 4.25 -9.23 -20.27
C ARG A 35 5.24 -10.33 -20.66
N ARG A 36 5.67 -10.29 -21.91
CA ARG A 36 6.58 -11.28 -22.44
C ARG A 36 7.93 -11.20 -21.74
N LEU A 37 8.45 -10.00 -21.54
CA LEU A 37 9.71 -9.84 -20.80
C LEU A 37 9.68 -10.36 -19.38
N HIS A 38 8.59 -10.08 -18.66
CA HIS A 38 8.49 -10.55 -17.31
C HIS A 38 8.36 -12.06 -17.26
N ALA A 39 7.56 -12.61 -18.17
CA ALA A 39 7.35 -14.07 -18.22
C ALA A 39 8.65 -14.83 -18.46
N GLU A 40 9.46 -14.31 -19.38
CA GLU A 40 10.79 -14.94 -19.69
C GLU A 40 11.73 -14.85 -18.50
N PHE A 41 11.79 -13.66 -17.88
CA PHE A 41 12.54 -13.44 -16.64
C PHE A 41 12.17 -14.42 -15.55
N ALA A 42 10.88 -14.61 -15.31
CA ALA A 42 10.43 -15.52 -14.27
C ALA A 42 10.73 -16.98 -14.68
N ALA A 43 10.44 -17.30 -15.93
CA ALA A 43 10.66 -18.68 -16.43
C ALA A 43 12.13 -19.11 -16.34
N GLU A 44 13.05 -18.21 -16.65
CA GLU A 44 14.49 -18.53 -16.55
C GLU A 44 14.92 -18.88 -15.15
N ARG A 45 14.21 -18.36 -14.14
CA ARG A 45 14.55 -18.58 -12.74
C ARG A 45 13.66 -19.57 -12.06
N ASP A 46 12.74 -20.18 -12.81
CA ASP A 46 11.76 -21.15 -12.30
C ASP A 46 10.93 -20.54 -11.14
N TRP A 47 10.45 -19.31 -11.37
CA TRP A 47 9.69 -18.55 -10.36
C TRP A 47 8.16 -18.58 -10.52
N GLU A 48 7.67 -19.33 -11.51
CA GLU A 48 6.23 -19.43 -11.82
C GLU A 48 5.44 -19.82 -10.59
N GLN A 49 6.03 -20.72 -9.81
CA GLN A 49 5.47 -21.17 -8.54
C GLN A 49 5.21 -20.06 -7.52
N PHE A 50 6.08 -19.07 -7.46
CA PHE A 50 5.90 -17.94 -6.57
C PHE A 50 4.87 -16.95 -7.12
N HIS A 51 4.55 -16.99 -8.41
CA HIS A 51 3.74 -15.97 -9.04
C HIS A 51 2.25 -16.32 -9.12
N GLN A 52 1.68 -16.84 -8.05
CA GLN A 52 0.25 -17.04 -7.96
C GLN A 52 -0.44 -15.66 -7.74
N PRO A 53 -1.72 -15.56 -8.11
CA PRO A 53 -2.36 -14.24 -8.11
C PRO A 53 -2.23 -13.48 -6.81
N ARG A 54 -2.45 -14.14 -5.67
CA ARG A 54 -2.41 -13.39 -4.41
C ARG A 54 -1.00 -13.02 -4.00
N ASN A 55 0.02 -13.81 -4.38
CA ASN A 55 1.43 -13.39 -4.21
C ASN A 55 1.70 -12.12 -5.03
N LEU A 56 1.31 -12.12 -6.29
CA LEU A 56 1.57 -10.98 -7.16
C LEU A 56 0.85 -9.71 -6.63
N LEU A 57 -0.37 -9.89 -6.12
CA LEU A 57 -1.13 -8.78 -5.57
C LEU A 57 -0.45 -8.19 -4.33
N LEU A 58 -0.01 -9.03 -3.43
CA LEU A 58 0.71 -8.58 -2.25
C LEU A 58 2.04 -7.93 -2.64
N ALA A 59 2.73 -8.48 -3.66
CA ALA A 59 3.97 -7.82 -4.11
C ALA A 59 3.65 -6.43 -4.67
N LEU A 60 2.54 -6.31 -5.39
N LEU A 60 2.54 -6.31 -5.39
CA LEU A 60 2.08 -5.04 -5.93
CA LEU A 60 2.09 -5.03 -5.92
C LEU A 60 1.85 -4.02 -4.79
C LEU A 60 1.85 -4.02 -4.79
N VAL A 61 1.17 -4.47 -3.74
CA VAL A 61 0.93 -3.63 -2.58
C VAL A 61 2.24 -3.14 -1.95
N GLY A 62 3.20 -4.04 -1.83
CA GLY A 62 4.54 -3.67 -1.35
C GLY A 62 5.21 -2.58 -2.19
N GLU A 63 5.06 -2.67 -3.50
CA GLU A 63 5.68 -1.68 -4.41
C GLU A 63 4.94 -0.35 -4.34
N VAL A 64 3.63 -0.41 -4.22
CA VAL A 64 2.86 0.83 -4.00
C VAL A 64 3.33 1.51 -2.70
N GLY A 65 3.63 0.72 -1.67
CA GLY A 65 4.21 1.25 -0.42
C GLY A 65 5.52 1.98 -0.64
N GLU A 66 6.42 1.35 -1.38
CA GLU A 66 7.70 1.98 -1.71
C GLU A 66 7.53 3.28 -2.51
N LEU A 67 6.59 3.31 -3.43
CA LEU A 67 6.27 4.50 -4.19
C LEU A 67 5.76 5.61 -3.27
N ALA A 68 4.83 5.26 -2.38
CA ALA A 68 4.32 6.22 -1.42
C ALA A 68 5.40 6.82 -0.53
N GLU A 69 6.37 6.00 -0.09
CA GLU A 69 7.47 6.44 0.75
C GLU A 69 8.27 7.61 0.14
N LEU A 70 8.37 7.65 -1.17
CA LEU A 70 9.08 8.73 -1.87
C LEU A 70 8.41 10.07 -1.72
N PHE A 71 7.08 10.06 -1.58
CA PHE A 71 6.27 11.28 -1.44
C PHE A 71 5.90 11.66 -0.01
N GLN A 72 6.05 10.74 0.96
CA GLN A 72 5.40 10.88 2.24
C GLN A 72 5.79 12.13 3.04
N TRP A 73 7.04 12.58 2.95
CA TRP A 73 7.49 13.73 3.74
C TRP A 73 7.64 15.00 2.92
N LYS A 74 7.15 14.99 1.68
CA LYS A 74 7.16 16.19 0.84
C LYS A 74 6.11 17.17 1.37
N SER A 75 6.46 18.45 1.49
CA SER A 75 5.51 19.47 1.93
C SER A 75 4.64 19.91 0.75
N ASP A 76 3.56 20.62 1.08
CA ASP A 76 2.67 21.24 0.07
C ASP A 76 3.40 22.21 -0.85
N THR A 77 4.37 22.94 -0.29
CA THR A 77 4.96 24.07 -1.00
C THR A 77 6.25 23.73 -1.76
N GLU A 78 7.02 22.73 -1.33
CA GLU A 78 8.32 22.45 -1.95
C GLU A 78 8.22 21.96 -3.43
N PRO A 79 9.34 21.96 -4.18
CA PRO A 79 9.24 21.52 -5.57
C PRO A 79 8.73 20.07 -5.78
N GLY A 80 8.03 19.91 -6.89
CA GLY A 80 7.43 18.67 -7.30
C GLY A 80 8.40 17.72 -7.97
N PRO A 81 7.87 16.52 -8.31
CA PRO A 81 8.73 15.47 -8.79
C PRO A 81 9.46 15.80 -10.05
N GLN A 82 8.91 16.68 -10.89
CA GLN A 82 9.64 17.07 -12.12
C GLN A 82 11.00 17.70 -11.80
N ALA A 83 11.16 18.22 -10.57
CA ALA A 83 12.38 18.90 -10.17
C ALA A 83 13.17 18.21 -9.08
N TRP A 84 12.84 16.96 -8.75
CA TRP A 84 13.57 16.28 -7.69
C TRP A 84 15.00 16.00 -8.14
N PRO A 85 15.90 15.84 -7.17
CA PRO A 85 17.28 15.49 -7.47
C PRO A 85 17.46 14.12 -8.14
N PRO A 86 18.63 13.89 -8.79
CA PRO A 86 18.86 12.70 -9.61
C PRO A 86 18.58 11.38 -8.92
N LYS A 87 19.03 11.23 -7.67
CA LYS A 87 18.84 9.97 -6.97
C LYS A 87 17.35 9.71 -6.67
N GLU A 88 16.62 10.77 -6.37
CA GLU A 88 15.19 10.69 -6.13
C GLU A 88 14.41 10.41 -7.44
N ARG A 89 14.84 11.01 -8.56
CA ARG A 89 14.25 10.71 -9.88
C ARG A 89 14.46 9.25 -10.26
N ALA A 90 15.64 8.74 -9.96
CA ALA A 90 15.97 7.35 -10.23
C ALA A 90 15.09 6.44 -9.43
N ALA A 91 14.97 6.72 -8.14
CA ALA A 91 14.08 5.91 -7.29
C ALA A 91 12.64 5.95 -7.79
N LEU A 92 12.14 7.14 -8.16
CA LEU A 92 10.80 7.28 -8.67
C LEU A 92 10.53 6.43 -9.95
N GLN A 93 11.45 6.50 -10.90
CA GLN A 93 11.42 5.64 -12.11
C GLN A 93 11.33 4.17 -11.73
N GLU A 94 12.17 3.76 -10.80
CA GLU A 94 12.23 2.39 -10.37
C GLU A 94 10.94 1.90 -9.72
N GLU A 95 10.39 2.69 -8.80
CA GLU A 95 9.18 2.24 -8.09
C GLU A 95 7.93 2.28 -8.97
N LEU A 96 7.78 3.33 -9.80
CA LEU A 96 6.73 3.29 -10.82
C LEU A 96 6.81 2.04 -11.70
N SER A 97 8.03 1.67 -12.10
CA SER A 97 8.25 0.48 -12.91
C SER A 97 7.90 -0.80 -12.16
N ASP A 98 8.32 -0.92 -10.89
CA ASP A 98 8.00 -2.11 -10.11
C ASP A 98 6.47 -2.30 -9.98
N VAL A 99 5.71 -1.21 -9.81
CA VAL A 99 4.28 -1.30 -9.73
C VAL A 99 3.70 -1.83 -11.08
N LEU A 100 4.18 -1.28 -12.19
CA LEU A 100 3.69 -1.68 -13.51
C LEU A 100 4.00 -3.13 -13.79
N ILE A 101 5.20 -3.56 -13.46
CA ILE A 101 5.63 -4.95 -13.72
C ILE A 101 4.70 -5.95 -13.01
N TYR A 102 4.46 -5.74 -11.71
CA TYR A 102 3.54 -6.63 -11.01
C TYR A 102 2.10 -6.52 -11.47
N LEU A 103 1.65 -5.34 -11.89
CA LEU A 103 0.28 -5.16 -12.40
C LEU A 103 0.09 -5.98 -13.68
N VAL A 104 1.07 -5.90 -14.54
CA VAL A 104 1.11 -6.71 -15.79
C VAL A 104 1.11 -8.21 -15.50
N ALA A 105 1.99 -8.63 -14.60
CA ALA A 105 2.11 -10.02 -14.21
C ALA A 105 0.80 -10.54 -13.61
N LEU A 106 0.17 -9.73 -12.77
CA LEU A 106 -1.08 -10.10 -12.17
C LEU A 106 -2.18 -10.23 -13.20
N ALA A 107 -2.32 -9.21 -14.05
CA ALA A 107 -3.33 -9.24 -15.13
C ALA A 107 -3.16 -10.49 -16.03
N ALA A 108 -1.92 -10.79 -16.40
CA ALA A 108 -1.63 -11.93 -17.23
C ALA A 108 -1.98 -13.26 -16.54
N ARG A 109 -1.57 -13.38 -15.28
N ARG A 109 -1.57 -13.38 -15.28
CA ARG A 109 -1.88 -14.56 -14.50
CA ARG A 109 -1.87 -14.57 -14.51
C ARG A 109 -3.38 -14.80 -14.35
C ARG A 109 -3.39 -14.81 -14.35
N CYS A 110 -4.19 -13.74 -14.34
CA CYS A 110 -5.64 -13.83 -14.32
C CYS A 110 -6.32 -13.91 -15.71
N HIS A 111 -5.53 -14.01 -16.76
CA HIS A 111 -6.00 -14.02 -18.15
C HIS A 111 -6.91 -12.82 -18.44
N VAL A 112 -6.48 -11.63 -17.99
CA VAL A 112 -7.13 -10.38 -18.34
C VAL A 112 -6.29 -9.70 -19.41
N ASP A 113 -6.95 -9.31 -20.50
CA ASP A 113 -6.34 -8.57 -21.60
C ASP A 113 -6.34 -7.11 -21.22
N LEU A 114 -5.28 -6.73 -20.53
CA LEU A 114 -5.23 -5.42 -19.86
C LEU A 114 -5.39 -4.22 -20.77
N PRO A 115 -4.72 -4.19 -21.96
CA PRO A 115 -4.99 -3.05 -22.84
C PRO A 115 -6.45 -2.90 -23.22
N GLN A 116 -7.11 -4.00 -23.56
CA GLN A 116 -8.49 -3.90 -23.96
C GLN A 116 -9.43 -3.64 -22.78
N ALA A 117 -9.06 -4.12 -21.59
CA ALA A 117 -9.79 -3.77 -20.37
C ALA A 117 -9.77 -2.24 -20.14
N VAL A 118 -8.63 -1.61 -20.40
CA VAL A 118 -8.50 -0.15 -20.21
C VAL A 118 -9.39 0.61 -21.19
N ILE A 119 -9.45 0.18 -22.44
CA ILE A 119 -10.42 0.77 -23.42
C ILE A 119 -11.85 0.71 -22.88
N SER A 120 -12.28 -0.47 -22.46
N SER A 120 -12.28 -0.46 -22.46
CA SER A 120 -13.61 -0.63 -21.87
CA SER A 120 -13.61 -0.63 -21.87
C SER A 120 -13.83 0.27 -20.65
C SER A 120 -13.83 0.27 -20.65
N LYS A 121 -12.85 0.34 -19.76
CA LYS A 121 -12.97 1.20 -18.56
C LYS A 121 -13.06 2.68 -18.91
N MET A 122 -12.24 3.12 -19.86
CA MET A 122 -12.30 4.52 -20.32
C MET A 122 -13.68 4.85 -20.94
N ASP A 123 -14.27 3.91 -21.67
CA ASP A 123 -15.62 4.12 -22.20
C ASP A 123 -16.66 4.25 -21.07
N THR A 124 -16.58 3.36 -20.07
CA THR A 124 -17.37 3.46 -18.85
C THR A 124 -17.14 4.77 -18.11
N ASN A 125 -15.87 5.20 -18.00
CA ASN A 125 -15.56 6.47 -17.34
C ASN A 125 -16.29 7.65 -18.05
N ARG A 126 -16.28 7.65 -19.38
CA ARG A 126 -16.97 8.71 -20.14
C ARG A 126 -18.46 8.76 -19.84
N GLN A 127 -19.09 7.59 -19.76
CA GLN A 127 -20.51 7.47 -19.47
C GLN A 127 -20.83 7.92 -18.06
N ARG A 128 -20.01 7.54 -17.06
CA ARG A 128 -20.25 7.98 -15.68
C ARG A 128 -20.04 9.48 -15.48
N TYR A 129 -19.17 10.09 -16.26
CA TYR A 129 -18.89 11.54 -16.14
C TYR A 129 -19.05 12.29 -17.48
N PRO A 130 -20.29 12.43 -17.95
CA PRO A 130 -20.46 13.21 -19.19
C PRO A 130 -19.95 14.62 -19.03
N VAL A 131 -19.35 15.18 -20.08
N VAL A 131 -19.35 15.17 -20.08
CA VAL A 131 -18.77 16.54 -20.00
CA VAL A 131 -18.78 16.54 -20.04
C VAL A 131 -19.82 17.60 -19.64
C VAL A 131 -19.82 17.59 -19.64
N HIS A 132 -21.04 17.46 -20.16
CA HIS A 132 -22.10 18.45 -19.86
C HIS A 132 -22.70 18.38 -18.43
N LEU A 133 -22.39 17.33 -17.66
CA LEU A 133 -22.80 17.23 -16.26
C LEU A 133 -21.65 17.52 -15.28
N SER A 134 -20.46 17.76 -15.82
CA SER A 134 -19.29 17.99 -15.01
C SER A 134 -18.93 19.46 -15.09
N MET B 21 -2.64 -22.55 26.32
CA MET B 21 -2.35 -21.16 26.87
C MET B 21 -3.03 -19.99 26.08
N PRO B 22 -4.00 -19.30 26.69
CA PRO B 22 -4.85 -18.35 25.95
C PRO B 22 -4.07 -17.13 25.46
N PHE B 23 -4.34 -16.68 24.24
CA PHE B 23 -3.70 -15.47 23.72
C PHE B 23 -4.48 -14.20 24.10
N ARG B 24 -3.77 -13.19 24.59
CA ARG B 24 -4.35 -11.92 24.91
C ARG B 24 -3.32 -10.84 24.57
N PHE B 25 -3.78 -9.62 24.34
CA PHE B 25 -2.86 -8.48 24.32
C PHE B 25 -2.57 -8.07 25.78
N SER B 26 -1.44 -7.42 26.01
CA SER B 26 -1.19 -6.71 27.24
C SER B 26 -2.21 -5.56 27.46
N PRO B 27 -2.42 -5.19 28.75
CA PRO B 27 -3.41 -4.18 29.04
C PRO B 27 -2.92 -2.78 28.75
N GLU B 28 -1.61 -2.59 28.67
CA GLU B 28 -1.01 -1.31 28.29
C GLU B 28 0.08 -1.54 27.27
N PRO B 29 0.41 -0.55 26.44
CA PRO B 29 -0.22 0.76 26.40
C PRO B 29 -1.61 0.78 25.78
N THR B 30 -2.44 1.72 26.22
CA THR B 30 -3.71 2.00 25.58
C THR B 30 -3.49 2.89 24.34
N LEU B 31 -4.54 3.11 23.58
CA LEU B 31 -4.43 3.96 22.39
C LEU B 31 -4.12 5.37 22.77
N GLU B 32 -4.75 5.86 23.85
CA GLU B 32 -4.39 7.17 24.41
C GLU B 32 -2.91 7.22 24.79
N ASP B 33 -2.41 6.20 25.49
CA ASP B 33 -0.97 6.11 25.83
C ASP B 33 -0.12 6.23 24.55
N ILE B 34 -0.53 5.52 23.50
CA ILE B 34 0.27 5.53 22.27
C ILE B 34 0.25 6.93 21.63
N ARG B 35 -0.94 7.53 21.61
CA ARG B 35 -1.08 8.88 21.14
C ARG B 35 -0.12 9.85 21.83
N ARG B 36 -0.14 9.79 23.17
CA ARG B 36 0.67 10.67 23.98
C ARG B 36 2.15 10.41 23.74
N LEU B 37 2.53 9.14 23.70
CA LEU B 37 3.93 8.79 23.42
C LEU B 37 4.45 9.24 22.08
N HIS B 38 3.63 9.07 21.04
CA HIS B 38 4.06 9.48 19.71
C HIS B 38 4.12 10.98 19.62
N ALA B 39 3.13 11.66 20.21
CA ALA B 39 3.10 13.15 20.17
C ALA B 39 4.34 13.76 20.84
N GLU B 40 4.74 13.19 21.97
CA GLU B 40 5.95 13.66 22.67
C GLU B 40 7.20 13.40 21.84
N PHE B 41 7.31 12.18 21.30
CA PHE B 41 8.38 11.80 20.36
C PHE B 41 8.53 12.80 19.20
N ALA B 42 7.42 13.16 18.56
CA ALA B 42 7.44 14.09 17.47
C ALA B 42 7.79 15.51 17.95
N ALA B 43 7.17 15.91 19.06
CA ALA B 43 7.40 17.26 19.63
C ALA B 43 8.86 17.48 20.02
N GLU B 44 9.51 16.47 20.60
CA GLU B 44 10.94 16.59 20.97
C GLU B 44 11.83 16.84 19.78
N ARG B 45 11.43 16.37 18.59
CA ARG B 45 12.22 16.48 17.37
C ARG B 45 11.75 17.58 16.45
N ASP B 46 10.73 18.35 16.88
CA ASP B 46 10.15 19.43 16.09
C ASP B 46 9.64 18.92 14.73
N TRP B 47 8.92 17.80 14.78
CA TRP B 47 8.43 17.12 13.57
C TRP B 47 6.95 17.37 13.25
N GLU B 48 6.29 18.25 14.02
CA GLU B 48 4.87 18.59 13.82
C GLU B 48 4.62 19.01 12.38
N GLN B 49 5.58 19.77 11.85
CA GLN B 49 5.56 20.23 10.48
C GLN B 49 5.49 19.11 9.43
N PHE B 50 6.18 17.99 9.68
CA PHE B 50 6.14 16.86 8.78
C PHE B 50 4.87 16.03 8.94
N HIS B 51 4.18 16.17 10.06
CA HIS B 51 3.07 15.29 10.38
C HIS B 51 1.70 15.85 9.99
N GLN B 52 1.57 16.40 8.80
CA GLN B 52 0.26 16.81 8.29
C GLN B 52 -0.52 15.55 7.88
N PRO B 53 -1.86 15.65 7.84
CA PRO B 53 -2.67 14.47 7.58
C PRO B 53 -2.27 13.67 6.34
N ARG B 54 -2.02 14.33 5.22
CA ARG B 54 -1.72 13.56 4.01
C ARG B 54 -0.32 12.95 4.04
N ASN B 55 0.63 13.59 4.72
CA ASN B 55 1.94 12.97 4.99
C ASN B 55 1.77 11.70 5.81
N LEU B 56 1.03 11.79 6.90
CA LEU B 56 0.82 10.62 7.77
C LEU B 56 0.12 9.49 7.02
N LEU B 57 -0.82 9.82 6.17
CA LEU B 57 -1.55 8.82 5.38
C LEU B 57 -0.63 8.10 4.42
N LEU B 58 0.21 8.85 3.71
CA LEU B 58 1.17 8.25 2.81
C LEU B 58 2.21 7.42 3.58
N ALA B 59 2.64 7.89 4.75
CA ALA B 59 3.55 7.08 5.57
C ALA B 59 2.88 5.76 5.99
N LEU B 60 1.60 5.83 6.32
N LEU B 60 1.61 5.81 6.36
CA LEU B 60 0.82 4.65 6.67
CA LEU B 60 0.85 4.62 6.70
C LEU B 60 0.79 3.65 5.51
C LEU B 60 0.74 3.64 5.52
N VAL B 61 0.54 4.16 4.31
CA VAL B 61 0.53 3.32 3.11
C VAL B 61 1.89 2.64 2.91
N GLY B 62 2.97 3.38 3.11
CA GLY B 62 4.31 2.82 3.10
C GLY B 62 4.52 1.66 4.07
N GLU B 63 4.00 1.80 5.27
CA GLU B 63 4.17 0.77 6.30
C GLU B 63 3.27 -0.44 5.99
N VAL B 64 2.09 -0.20 5.46
CA VAL B 64 1.26 -1.32 4.98
C VAL B 64 2.00 -2.10 3.88
N GLY B 65 2.73 -1.40 3.02
CA GLY B 65 3.63 -2.05 2.03
C GLY B 65 4.67 -2.95 2.65
N GLU B 66 5.36 -2.42 3.65
CA GLU B 66 6.35 -3.22 4.40
C GLU B 66 5.76 -4.47 5.07
N LEU B 67 4.56 -4.34 5.61
CA LEU B 67 3.84 -5.46 6.18
C LEU B 67 3.52 -6.49 5.12
N ALA B 68 3.00 -6.05 3.98
CA ALA B 68 2.69 -6.95 2.87
C ALA B 68 3.91 -7.71 2.38
N GLU B 69 5.08 -7.05 2.34
CA GLU B 69 6.33 -7.66 1.90
C GLU B 69 6.69 -8.93 2.69
N LEU B 70 6.31 -8.97 3.97
CA LEU B 70 6.58 -10.11 4.83
C LEU B 70 5.79 -11.34 4.41
N PHE B 71 4.59 -11.13 3.84
CA PHE B 71 3.69 -12.17 3.41
C PHE B 71 3.76 -12.56 1.92
N GLN B 72 4.36 -11.69 1.08
CA GLN B 72 4.14 -11.75 -0.37
C GLN B 72 4.56 -13.05 -1.02
N TRP B 73 5.62 -13.68 -0.57
CA TRP B 73 6.13 -14.90 -1.21
C TRP B 73 5.82 -16.17 -0.43
N LYS B 74 5.00 -16.07 0.62
CA LYS B 74 4.64 -17.25 1.42
C LYS B 74 3.71 -18.19 0.62
N SER B 75 3.98 -19.48 0.65
CA SER B 75 3.06 -20.45 0.05
C SER B 75 1.92 -20.77 1.01
N ASP B 76 0.90 -21.41 0.47
CA ASP B 76 -0.24 -21.94 1.24
C ASP B 76 0.18 -22.93 2.31
N THR B 77 1.18 -23.75 1.99
CA THR B 77 1.50 -24.94 2.78
C THR B 77 2.57 -24.72 3.84
N GLU B 78 3.50 -23.77 3.64
CA GLU B 78 4.57 -23.54 4.65
C GLU B 78 4.01 -22.99 5.99
N PRO B 79 4.81 -22.97 7.07
CA PRO B 79 4.27 -22.48 8.34
C PRO B 79 3.74 -21.03 8.33
N GLY B 80 2.66 -20.83 9.08
CA GLY B 80 1.99 -19.54 9.21
C GLY B 80 2.63 -18.68 10.25
N PRO B 81 2.16 -17.42 10.38
CA PRO B 81 2.92 -16.45 11.16
C PRO B 81 3.02 -16.79 12.64
N GLN B 82 2.09 -17.57 13.16
CA GLN B 82 2.22 -18.03 14.56
C GLN B 82 3.47 -18.88 14.77
N ALA B 83 4.01 -19.44 13.70
CA ALA B 83 5.16 -20.33 13.76
C ALA B 83 6.34 -19.83 12.94
N TRP B 84 6.36 -18.56 12.54
CA TRP B 84 7.50 -18.05 11.78
C TRP B 84 8.77 -18.07 12.61
N PRO B 85 9.92 -18.12 11.94
CA PRO B 85 11.19 -18.03 12.66
C PRO B 85 11.41 -16.69 13.40
N PRO B 86 12.36 -16.66 14.36
CA PRO B 86 12.54 -15.50 15.23
C PRO B 86 12.73 -14.17 14.54
N LYS B 87 13.55 -14.15 13.48
CA LYS B 87 13.81 -12.90 12.77
C LYS B 87 12.56 -12.39 12.06
N GLU B 88 11.77 -13.31 11.53
CA GLU B 88 10.54 -13.00 10.84
C GLU B 88 9.46 -12.55 11.83
N ARG B 89 9.40 -13.18 13.02
CA ARG B 89 8.47 -12.72 14.10
C ARG B 89 8.82 -11.29 14.51
N ALA B 90 10.11 -11.00 14.63
CA ALA B 90 10.55 -9.67 15.01
C ALA B 90 10.14 -8.65 13.96
N ALA B 91 10.41 -8.96 12.70
CA ALA B 91 9.97 -8.05 11.63
C ALA B 91 8.46 -7.84 11.62
N LEU B 92 7.70 -8.90 11.79
CA LEU B 92 6.24 -8.81 11.83
C LEU B 92 5.73 -7.89 12.97
N GLN B 93 6.28 -8.06 14.17
CA GLN B 93 6.01 -7.15 15.31
C GLN B 93 6.27 -5.70 14.96
N GLU B 94 7.40 -5.45 14.33
CA GLU B 94 7.81 -4.12 13.99
C GLU B 94 6.88 -3.49 12.96
N GLU B 95 6.54 -4.22 11.90
CA GLU B 95 5.70 -3.61 10.85
C GLU B 95 4.24 -3.45 11.27
N LEU B 96 3.68 -4.42 11.98
CA LEU B 96 2.38 -4.20 12.62
C LEU B 96 2.38 -2.94 13.51
N SER B 97 3.46 -2.75 14.28
CA SER B 97 3.58 -1.56 15.14
C SER B 97 3.69 -0.28 14.33
N ASP B 98 4.48 -0.26 13.26
CA ASP B 98 4.59 0.93 12.43
C ASP B 98 3.24 1.34 11.85
N VAL B 99 2.43 0.38 11.41
CA VAL B 99 1.10 0.69 10.91
C VAL B 99 0.23 1.33 12.02
N LEU B 100 0.25 0.72 13.21
CA LEU B 100 -0.56 1.23 14.32
C LEU B 100 -0.14 2.65 14.72
N ILE B 101 1.16 2.89 14.78
CA ILE B 101 1.67 4.20 15.21
C ILE B 101 1.20 5.29 14.26
N TYR B 102 1.36 5.08 12.94
CA TYR B 102 0.85 6.11 12.01
C TYR B 102 -0.67 6.24 12.00
N LEU B 103 -1.41 5.17 12.24
CA LEU B 103 -2.87 5.22 12.27
C LEU B 103 -3.33 6.07 13.44
N VAL B 104 -2.69 5.84 14.59
CA VAL B 104 -2.92 6.69 15.79
C VAL B 104 -2.60 8.14 15.53
N ALA B 105 -1.41 8.40 14.97
CA ALA B 105 -0.98 9.75 14.65
C ALA B 105 -1.94 10.45 13.71
N LEU B 106 -2.38 9.72 12.68
CA LEU B 106 -3.30 10.29 11.72
C LEU B 106 -4.64 10.61 12.37
N ALA B 107 -5.20 9.65 13.11
CA ALA B 107 -6.47 9.88 13.80
C ALA B 107 -6.39 11.11 14.76
N ALA B 108 -5.31 11.19 15.51
CA ALA B 108 -5.11 12.29 16.46
C ALA B 108 -4.96 13.64 15.74
N ARG B 109 -4.20 13.66 14.65
CA ARG B 109 -4.03 14.87 13.86
C ARG B 109 -5.34 15.35 13.26
N CYS B 110 -6.26 14.43 12.97
CA CYS B 110 -7.61 14.78 12.51
C CYS B 110 -8.64 15.02 13.64
N HIS B 111 -8.20 14.99 14.91
CA HIS B 111 -9.06 15.10 16.08
C HIS B 111 -10.22 14.09 16.05
N VAL B 112 -9.90 12.86 15.68
CA VAL B 112 -10.84 11.74 15.76
C VAL B 112 -10.51 10.91 16.97
N ASP B 113 -11.54 10.66 17.80
CA ASP B 113 -11.43 9.89 19.01
C ASP B 113 -11.55 8.44 18.63
N LEU B 114 -10.40 7.87 18.34
CA LEU B 114 -10.34 6.55 17.68
C LEU B 114 -10.98 5.44 18.47
N PRO B 115 -10.72 5.35 19.81
CA PRO B 115 -11.43 4.27 20.54
C PRO B 115 -12.93 4.37 20.44
N GLN B 116 -13.48 5.57 20.56
CA GLN B 116 -14.93 5.70 20.49
C GLN B 116 -15.49 5.52 19.10
N ALA B 117 -14.72 5.92 18.09
CA ALA B 117 -15.07 5.61 16.71
C ALA B 117 -15.17 4.12 16.45
N VAL B 118 -14.27 3.34 17.04
CA VAL B 118 -14.26 1.88 16.86
C VAL B 118 -15.52 1.25 17.44
N ILE B 119 -15.92 1.71 18.63
CA ILE B 119 -17.19 1.24 19.22
C ILE B 119 -18.37 1.49 18.27
N SER B 120 -18.49 2.71 17.80
N SER B 120 -18.45 2.70 17.75
CA SER B 120 -19.54 3.06 16.84
CA SER B 120 -19.52 3.09 16.81
C SER B 120 -19.50 2.20 15.58
C SER B 120 -19.49 2.21 15.57
N LYS B 121 -18.29 1.98 15.03
CA LYS B 121 -18.17 1.13 13.83
C LYS B 121 -18.57 -0.32 14.09
N MET B 122 -18.15 -0.86 15.23
CA MET B 122 -18.54 -2.20 15.62
C MET B 122 -20.06 -2.35 15.78
N ASP B 123 -20.71 -1.32 16.28
CA ASP B 123 -22.15 -1.33 16.40
C ASP B 123 -22.76 -1.40 15.00
N THR B 124 -22.34 -0.52 14.10
CA THR B 124 -22.75 -0.53 12.71
C THR B 124 -22.48 -1.88 12.04
N ASN B 125 -21.30 -2.46 12.30
CA ASN B 125 -20.96 -3.77 11.76
C ASN B 125 -22.00 -4.84 12.19
N ARG B 126 -22.40 -4.81 13.46
CA ARG B 126 -23.41 -5.77 13.95
C ARG B 126 -24.73 -5.66 13.21
N GLN B 127 -25.16 -4.42 12.96
CA GLN B 127 -26.39 -4.14 12.22
C GLN B 127 -26.31 -4.62 10.78
N ARG B 128 -25.18 -4.36 10.10
CA ARG B 128 -25.01 -4.81 8.70
C ARG B 128 -24.91 -6.32 8.56
N TYR B 129 -24.43 -7.02 9.58
CA TYR B 129 -24.30 -8.48 9.54
C TYR B 129 -25.01 -9.18 10.69
N PRO B 130 -26.35 -9.23 10.64
CA PRO B 130 -27.08 -9.90 11.72
C PRO B 130 -26.66 -11.34 11.88
N VAL B 131 -26.58 -11.80 13.12
CA VAL B 131 -26.05 -13.14 13.42
C VAL B 131 -26.82 -14.25 12.71
N HIS B 132 -28.14 -14.14 12.64
CA HIS B 132 -28.97 -15.22 12.06
C HIS B 132 -28.89 -15.44 10.53
N LEU B 133 -28.21 -14.53 9.82
CA LEU B 133 -28.00 -14.65 8.37
C LEU B 133 -26.54 -15.05 8.03
#